data_3K18
# 
_entry.id   3K18 
# 
_audit_conform.dict_name       mmcif_pdbx.dic 
_audit_conform.dict_version    5.387 
_audit_conform.dict_location   http://mmcif.pdb.org/dictionaries/ascii/mmcif_pdbx.dic 
# 
loop_
_database_2.database_id 
_database_2.database_code 
_database_2.pdbx_database_accession 
_database_2.pdbx_DOI 
PDB   3K18         pdb_00003k18 10.2210/pdb3k18/pdb 
NDB   NA0216       ?            ?                   
RCSB  RCSB055417   ?            ?                   
WWPDB D_1000055417 ?            ?                   
# 
loop_
_pdbx_audit_revision_history.ordinal 
_pdbx_audit_revision_history.data_content_type 
_pdbx_audit_revision_history.major_revision 
_pdbx_audit_revision_history.minor_revision 
_pdbx_audit_revision_history.revision_date 
1 'Structure model' 1 0 2010-10-06 
2 'Structure model' 1 1 2011-07-13 
3 'Structure model' 1 2 2018-01-24 
4 'Structure model' 1 3 2024-02-21 
# 
_pdbx_audit_revision_details.ordinal             1 
_pdbx_audit_revision_details.revision_ordinal    1 
_pdbx_audit_revision_details.data_content_type   'Structure model' 
_pdbx_audit_revision_details.provider            repository 
_pdbx_audit_revision_details.type                'Initial release' 
_pdbx_audit_revision_details.description         ? 
_pdbx_audit_revision_details.details             ? 
# 
loop_
_pdbx_audit_revision_group.ordinal 
_pdbx_audit_revision_group.revision_ordinal 
_pdbx_audit_revision_group.data_content_type 
_pdbx_audit_revision_group.group 
1 2 'Structure model' 'Version format compliance' 
2 3 'Structure model' 'Database references'       
3 4 'Structure model' 'Data collection'           
4 4 'Structure model' 'Database references'       
5 4 'Structure model' 'Derived calculations'      
# 
loop_
_pdbx_audit_revision_category.ordinal 
_pdbx_audit_revision_category.revision_ordinal 
_pdbx_audit_revision_category.data_content_type 
_pdbx_audit_revision_category.category 
1 3 'Structure model' citation_author 
2 4 'Structure model' chem_comp_atom  
3 4 'Structure model' chem_comp_bond  
4 4 'Structure model' database_2      
5 4 'Structure model' struct_conn     
# 
loop_
_pdbx_audit_revision_item.ordinal 
_pdbx_audit_revision_item.revision_ordinal 
_pdbx_audit_revision_item.data_content_type 
_pdbx_audit_revision_item.item 
1 3 'Structure model' '_citation_author.name'               
2 4 'Structure model' '_database_2.pdbx_DOI'                
3 4 'Structure model' '_database_2.pdbx_database_accession' 
4 4 'Structure model' '_struct_conn.pdbx_leaving_atom_flag' 
# 
_pdbx_database_status.status_code                     REL 
_pdbx_database_status.entry_id                        3K18 
_pdbx_database_status.recvd_initial_deposition_date   2009-09-25 
_pdbx_database_status.deposit_site                    RCSB 
_pdbx_database_status.process_site                    RCSB 
_pdbx_database_status.status_code_sf                  REL 
_pdbx_database_status.status_code_mr                  ? 
_pdbx_database_status.SG_entry                        ? 
_pdbx_database_status.status_code_cs                  ? 
_pdbx_database_status.pdb_format_compatible           Y 
_pdbx_database_status.methods_development_category    ? 
_pdbx_database_status.status_code_nmr_data            ? 
# 
_pdbx_database_related.db_name        PDB 
_pdbx_database_related.db_id          3FA1 
_pdbx_database_related.details        . 
_pdbx_database_related.content_type   unspecified 
# 
loop_
_audit_author.name 
_audit_author.pdbx_ordinal 
'Sheng, J.'      1 
'Hassan, A.E.A.' 2 
'Zhang, W.'      3 
'Huang, Z.'      4 
# 
_citation.id                        primary 
_citation.title                     'Synthesis and Structure Study of Oligonucleotides Derivatized with Tellurium Functionality' 
_citation.journal_abbrev            'To be Published' 
_citation.journal_volume            ? 
_citation.page_first                ? 
_citation.page_last                 ? 
_citation.year                      ? 
_citation.journal_id_ASTM           ? 
_citation.country                   ? 
_citation.journal_id_ISSN           ? 
_citation.journal_id_CSD            0353 
_citation.book_publisher            ? 
_citation.pdbx_database_id_PubMed   ? 
_citation.pdbx_database_id_DOI      ? 
# 
loop_
_citation_author.citation_id 
_citation_author.name 
_citation_author.ordinal 
_citation_author.identifier_ORCID 
primary 'Sheng, J.'      1 ? 
primary 'Hassan, A.E.A.' 2 ? 
primary 'Zhang, W.'      3 ? 
primary 'Huang, Z.'      4 ? 
# 
loop_
_entity.id 
_entity.type 
_entity.src_method 
_entity.pdbx_description 
_entity.formula_weight 
_entity.pdbx_number_of_molecules 
_entity.pdbx_ec 
_entity.pdbx_mutation 
_entity.pdbx_fragment 
_entity.details 
1 polymer syn "5'-D(*GP*(UMS)P*GP*(TTI)P*AP*CP*AP*C)-3'" 2619.151 1  ? ? ? '5-Te modification' 
2 water   nat water                                      18.015   28 ? ? ? ?                   
# 
_entity_poly.entity_id                      1 
_entity_poly.type                           polydeoxyribonucleotide 
_entity_poly.nstd_linkage                   no 
_entity_poly.nstd_monomer                   yes 
_entity_poly.pdbx_seq_one_letter_code       '(DG)(UMS)(DG)(TTI)(DA)(DC)(DA)(DC)' 
_entity_poly.pdbx_seq_one_letter_code_can   GUGUACAC 
_entity_poly.pdbx_strand_id                 A 
_entity_poly.pdbx_target_identifier         ? 
# 
_pdbx_entity_nonpoly.entity_id   2 
_pdbx_entity_nonpoly.name        water 
_pdbx_entity_nonpoly.comp_id     HOH 
# 
loop_
_entity_poly_seq.entity_id 
_entity_poly_seq.num 
_entity_poly_seq.mon_id 
_entity_poly_seq.hetero 
1 1 DG  n 
1 2 UMS n 
1 3 DG  n 
1 4 TTI n 
1 5 DA  n 
1 6 DC  n 
1 7 DA  n 
1 8 DC  n 
# 
loop_
_chem_comp.id 
_chem_comp.type 
_chem_comp.mon_nstd_flag 
_chem_comp.name 
_chem_comp.pdbx_synonyms 
_chem_comp.formula 
_chem_comp.formula_weight 
DA  'DNA linking' y "2'-DEOXYADENOSINE-5'-MONOPHOSPHATE"                    ?                                       
'C10 H14 N5 O6 P'    331.222 
DC  'DNA linking' y "2'-DEOXYCYTIDINE-5'-MONOPHOSPHATE"                     ?                                       
'C9 H14 N3 O7 P'     307.197 
DG  'DNA linking' y "2'-DEOXYGUANOSINE-5'-MONOPHOSPHATE"                    ?                                       
'C10 H14 N5 O7 P'    347.221 
HOH non-polymer   . WATER                                                   ?                                       'H2 O' 18.015  
TTI 'DNA linking' n 
;2'-deoxy-5-telluroxouridine 5'-(dihydrogen phosphate)
;
"5-Tellurium-deoxyuridine-5'-phosphate" 'C9 H13 N2 O8 P Te'  435.782 
UMS 'DNA linking' n "2'-METHYLSELENYL-2'-DEOXYURIDINE-5'-PHOSPHATE"         ?                                       
'C10 H15 N2 O8 P Se' 401.168 
# 
loop_
_pdbx_poly_seq_scheme.asym_id 
_pdbx_poly_seq_scheme.entity_id 
_pdbx_poly_seq_scheme.seq_id 
_pdbx_poly_seq_scheme.mon_id 
_pdbx_poly_seq_scheme.ndb_seq_num 
_pdbx_poly_seq_scheme.pdb_seq_num 
_pdbx_poly_seq_scheme.auth_seq_num 
_pdbx_poly_seq_scheme.pdb_mon_id 
_pdbx_poly_seq_scheme.auth_mon_id 
_pdbx_poly_seq_scheme.pdb_strand_id 
_pdbx_poly_seq_scheme.pdb_ins_code 
_pdbx_poly_seq_scheme.hetero 
A 1 1 DG  1 1 1 DG  DG  A . n 
A 1 2 UMS 2 2 2 UMS UMS A . n 
A 1 3 DG  3 3 3 DG  DG  A . n 
A 1 4 TTI 4 4 4 TTI TTI A . n 
A 1 5 DA  5 5 5 DA  DA  A . n 
A 1 6 DC  6 6 6 DC  DC  A . n 
A 1 7 DA  7 7 7 DA  DA  A . n 
A 1 8 DC  8 8 8 DC  DC  A . n 
# 
loop_
_pdbx_nonpoly_scheme.asym_id 
_pdbx_nonpoly_scheme.entity_id 
_pdbx_nonpoly_scheme.mon_id 
_pdbx_nonpoly_scheme.ndb_seq_num 
_pdbx_nonpoly_scheme.pdb_seq_num 
_pdbx_nonpoly_scheme.auth_seq_num 
_pdbx_nonpoly_scheme.pdb_mon_id 
_pdbx_nonpoly_scheme.auth_mon_id 
_pdbx_nonpoly_scheme.pdb_strand_id 
_pdbx_nonpoly_scheme.pdb_ins_code 
B 2 HOH 1  11 11 HOH HOH A . 
B 2 HOH 2  12 12 HOH HOH A . 
B 2 HOH 3  13 13 HOH HOH A . 
B 2 HOH 4  14 14 HOH HOH A . 
B 2 HOH 5  15 15 HOH HOH A . 
B 2 HOH 6  16 16 HOH HOH A . 
B 2 HOH 7  17 17 HOH HOH A . 
B 2 HOH 8  18 18 HOH HOH A . 
B 2 HOH 9  19 19 HOH HOH A . 
B 2 HOH 10 20 20 HOH HOH A . 
B 2 HOH 11 21 21 HOH HOH A . 
B 2 HOH 12 22 22 HOH HOH A . 
B 2 HOH 13 23 23 HOH HOH A . 
B 2 HOH 14 24 24 HOH HOH A . 
B 2 HOH 15 25 25 HOH HOH A . 
B 2 HOH 16 26 26 HOH HOH A . 
B 2 HOH 17 27 27 HOH HOH A . 
B 2 HOH 18 28 28 HOH HOH A . 
B 2 HOH 19 29 29 HOH HOH A . 
B 2 HOH 20 30 30 HOH HOH A . 
B 2 HOH 21 31 31 HOH HOH A . 
B 2 HOH 22 32 32 HOH HOH A . 
B 2 HOH 23 33 33 HOH HOH A . 
B 2 HOH 24 34 34 HOH HOH A . 
B 2 HOH 25 35 35 HOH HOH A . 
B 2 HOH 26 36 36 HOH HOH A . 
B 2 HOH 27 37 37 HOH HOH A . 
B 2 HOH 28 38 38 HOH HOH A . 
# 
loop_
_software.name 
_software.classification 
_software.version 
_software.citation_id 
_software.pdbx_ordinal 
CBASS  'data collection' .        ? 1 
SHELXS phasing           .        ? 2 
REFMAC refinement        5.2.0019 ? 3 
d*TREK 'data reduction'  .        ? 4 
d*TREK 'data scaling'    .        ? 5 
# 
_cell.entry_id           3K18 
_cell.length_a           42.695 
_cell.length_b           42.695 
_cell.length_c           24.213 
_cell.angle_alpha        90.00 
_cell.angle_beta         90.00 
_cell.angle_gamma        90.00 
_cell.Z_PDB              8 
_cell.pdbx_unique_axis   ? 
_cell.length_a_esd       ? 
_cell.length_b_esd       ? 
_cell.length_c_esd       ? 
_cell.angle_alpha_esd    ? 
_cell.angle_beta_esd     ? 
_cell.angle_gamma_esd    ? 
# 
_symmetry.entry_id                         3K18 
_symmetry.space_group_name_H-M             'P 43 21 2' 
_symmetry.pdbx_full_space_group_name_H-M   ? 
_symmetry.cell_setting                     ? 
_symmetry.Int_Tables_number                96 
_symmetry.space_group_name_Hall            ? 
# 
_exptl.entry_id          3K18 
_exptl.method            'X-RAY DIFFRACTION' 
_exptl.crystals_number   1 
# 
_exptl_crystal.id                    1 
_exptl_crystal.density_meas          ? 
_exptl_crystal.density_Matthews      2.11 
_exptl_crystal.density_percent_sol   41.61 
_exptl_crystal.description           ? 
_exptl_crystal.F_000                 ? 
_exptl_crystal.preparation           ? 
# 
_exptl_crystal_grow.crystal_id      1 
_exptl_crystal_grow.method          'VAPOR DIFFUSION, HANGING DROP' 
_exptl_crystal_grow.temp            293 
_exptl_crystal_grow.temp_details    ? 
_exptl_crystal_grow.pH              6 
_exptl_crystal_grow.pdbx_details    
'MPD,sodium cacodylate,spermine tetra-HCl, pH 6.0, VAPOR DIFFUSION, HANGING DROP, temperature 293K' 
_exptl_crystal_grow.pdbx_pH_range   ? 
# 
_diffrn.id                     1 
_diffrn.ambient_temp           99 
_diffrn.ambient_temp_details   ? 
_diffrn.crystal_id             1 
# 
_diffrn_detector.diffrn_id              1 
_diffrn_detector.detector               CCD 
_diffrn_detector.type                   'ADSC QUANTUM 210' 
_diffrn_detector.pdbx_collection_date   2008-04-12 
_diffrn_detector.details                ? 
# 
_diffrn_radiation.diffrn_id                        1 
_diffrn_radiation.wavelength_id                    1 
_diffrn_radiation.pdbx_monochromatic_or_laue_m_l   M 
_diffrn_radiation.monochromator                    'Si(111)' 
_diffrn_radiation.pdbx_diffrn_protocol             'SINGLE WAVELENGTH' 
_diffrn_radiation.pdbx_scattering_type             x-ray 
# 
_diffrn_radiation_wavelength.id           1 
_diffrn_radiation_wavelength.wavelength   0.9795 
_diffrn_radiation_wavelength.wt           1.0 
# 
_diffrn_source.diffrn_id                   1 
_diffrn_source.source                      SYNCHROTRON 
_diffrn_source.type                        'NSLS BEAMLINE X12C' 
_diffrn_source.pdbx_synchrotron_site       NSLS 
_diffrn_source.pdbx_synchrotron_beamline   X12C 
_diffrn_source.pdbx_wavelength             ? 
_diffrn_source.pdbx_wavelength_list        0.9795 
# 
_reflns.entry_id                     3K18 
_reflns.observed_criterion_sigma_I   5.0 
_reflns.observed_criterion_sigma_F   50 
_reflns.d_resolution_low             18.89 
_reflns.d_resolution_high            1.5 
_reflns.number_obs                   3659 
_reflns.number_all                   3878 
_reflns.percent_possible_obs         94.4 
_reflns.pdbx_Rmerge_I_obs            0.075 
_reflns.pdbx_Rsym_value              ? 
_reflns.pdbx_netI_over_sigmaI        15 
_reflns.B_iso_Wilson_estimate        19.6 
_reflns.pdbx_redundancy              8.63 
_reflns.R_free_details               ? 
_reflns.limit_h_max                  ? 
_reflns.limit_h_min                  ? 
_reflns.limit_k_max                  ? 
_reflns.limit_k_min                  ? 
_reflns.limit_l_max                  ? 
_reflns.limit_l_min                  ? 
_reflns.observed_criterion_F_max     ? 
_reflns.observed_criterion_F_min     ? 
_reflns.pdbx_chi_squared             ? 
_reflns.pdbx_scaling_rejects         ? 
_reflns.pdbx_diffrn_id               1 
_reflns.pdbx_ordinal                 1 
# 
_reflns_shell.d_res_high             1.50 
_reflns_shell.d_res_low              1.55 
_reflns_shell.percent_possible_all   74.9 
_reflns_shell.Rmerge_I_obs           0.427 
_reflns_shell.pdbx_Rsym_value        ? 
_reflns_shell.meanI_over_sigI_obs    2.4 
_reflns_shell.pdbx_redundancy        5.3 
_reflns_shell.percent_possible_obs   ? 
_reflns_shell.number_unique_all      277 
_reflns_shell.number_measured_all    ? 
_reflns_shell.number_measured_obs    ? 
_reflns_shell.number_unique_obs      ? 
_reflns_shell.pdbx_chi_squared       ? 
_reflns_shell.pdbx_diffrn_id         ? 
_reflns_shell.pdbx_ordinal           1 
# 
_refine.entry_id                                 3K18 
_refine.ls_number_reflns_obs                     3483 
_refine.ls_number_reflns_all                     3706 
_refine.pdbx_ls_sigma_I                          ? 
_refine.pdbx_ls_sigma_F                          . 
_refine.pdbx_data_cutoff_high_absF               ? 
_refine.pdbx_data_cutoff_low_absF                ? 
_refine.pdbx_data_cutoff_high_rms_absF           ? 
_refine.ls_d_res_low                             18.89 
_refine.ls_d_res_high                            1.50 
_refine.ls_percent_reflns_obs                    93.97 
_refine.ls_R_factor_obs                          0.20239 
_refine.ls_R_factor_all                          ? 
_refine.ls_R_factor_R_work                       0.20142 
_refine.ls_R_factor_R_free                       0.22323 
_refine.ls_R_factor_R_free_error                 ? 
_refine.ls_R_factor_R_free_error_details         ? 
_refine.ls_percent_reflns_R_free                 4.5 
_refine.ls_number_reflns_R_free                  165 
_refine.ls_number_parameters                     ? 
_refine.ls_number_restraints                     ? 
_refine.occupancy_min                            ? 
_refine.occupancy_max                            ? 
_refine.correlation_coeff_Fo_to_Fc               0.961 
_refine.correlation_coeff_Fo_to_Fc_free          0.948 
_refine.B_iso_mean                               19.275 
_refine.aniso_B[1][1]                            0.07 
_refine.aniso_B[2][2]                            0.07 
_refine.aniso_B[3][3]                            -0.14 
_refine.aniso_B[1][2]                            0.00 
_refine.aniso_B[1][3]                            0.00 
_refine.aniso_B[2][3]                            0.00 
_refine.solvent_model_details                    MASK 
_refine.solvent_model_param_ksol                 ? 
_refine.solvent_model_param_bsol                 ? 
_refine.pdbx_solvent_vdw_probe_radii             1.20 
_refine.pdbx_solvent_ion_probe_radii             0.80 
_refine.pdbx_solvent_shrinkage_radii             0.80 
_refine.pdbx_ls_cross_valid_method               THROUGHOUT 
_refine.details                                  'HYDROGENS HAVE BEEN ADDED IN THE RIDING POSITIONS' 
_refine.pdbx_starting_model                      ? 
_refine.pdbx_method_to_determine_struct          SIRAS 
_refine.pdbx_isotropic_thermal_model             ? 
_refine.pdbx_stereochemistry_target_values       'MAXIMUM LIKELIHOOD' 
_refine.pdbx_stereochem_target_val_spec_case     ? 
_refine.pdbx_R_Free_selection_details            RANDOM 
_refine.pdbx_overall_ESU_R                       0.083 
_refine.pdbx_overall_ESU_R_Free                  0.081 
_refine.overall_SU_ML                            0.053 
_refine.overall_SU_B                             2.967 
_refine.ls_redundancy_reflns_obs                 ? 
_refine.B_iso_min                                ? 
_refine.B_iso_max                                ? 
_refine.overall_SU_R_Cruickshank_DPI             ? 
_refine.overall_SU_R_free                        ? 
_refine.ls_wR_factor_R_free                      ? 
_refine.ls_wR_factor_R_work                      ? 
_refine.overall_FOM_free_R_set                   ? 
_refine.overall_FOM_work_R_set                   ? 
_refine.pdbx_overall_phase_error                 ? 
_refine.pdbx_refine_id                           'X-RAY DIFFRACTION' 
_refine.pdbx_diffrn_id                           1 
_refine.pdbx_TLS_residual_ADP_flag               ? 
_refine.pdbx_overall_SU_R_free_Cruickshank_DPI   ? 
_refine.pdbx_overall_SU_R_Blow_DPI               ? 
_refine.pdbx_overall_SU_R_free_Blow_DPI          ? 
# 
_refine_analyze.entry_id                        3K18 
_refine_analyze.Luzzati_coordinate_error_obs    0.083 
_refine_analyze.Luzzati_sigma_a_obs             ? 
_refine_analyze.Luzzati_d_res_low_obs           ? 
_refine_analyze.Luzzati_coordinate_error_free   0.081 
_refine_analyze.Luzzati_sigma_a_free            ? 
_refine_analyze.Luzzati_d_res_low_free          ? 
_refine_analyze.number_disordered_residues      ? 
_refine_analyze.occupancy_sum_hydrogen          ? 
_refine_analyze.occupancy_sum_non_hydrogen      ? 
_refine_analyze.pdbx_Luzzati_d_res_high_obs     ? 
_refine_analyze.pdbx_refine_id                  'X-RAY DIFFRACTION' 
# 
_refine_hist.pdbx_refine_id                   'X-RAY DIFFRACTION' 
_refine_hist.cycle_id                         LAST 
_refine_hist.pdbx_number_atoms_protein        0 
_refine_hist.pdbx_number_atoms_nucleic_acid   162 
_refine_hist.pdbx_number_atoms_ligand         0 
_refine_hist.number_atoms_solvent             28 
_refine_hist.number_atoms_total               190 
_refine_hist.d_res_high                       1.50 
_refine_hist.d_res_low                        18.89 
# 
loop_
_refine_ls_restr.type 
_refine_ls_restr.dev_ideal 
_refine_ls_restr.dev_ideal_target 
_refine_ls_restr.weight 
_refine_ls_restr.number 
_refine_ls_restr.pdbx_refine_id 
_refine_ls_restr.pdbx_restraint_function 
r_bond_refined_d         0.011 0.021 ? 181 'X-RAY DIFFRACTION' ? 
r_angle_refined_deg      1.841 3.000 ? 277 'X-RAY DIFFRACTION' ? 
r_chiral_restr           0.078 0.200 ? 32  'X-RAY DIFFRACTION' ? 
r_gen_planes_refined     0.011 0.020 ? 83  'X-RAY DIFFRACTION' ? 
r_nbd_refined            0.144 0.200 ? 52  'X-RAY DIFFRACTION' ? 
r_nbtor_refined          0.270 0.200 ? 105 'X-RAY DIFFRACTION' ? 
r_xyhbond_nbd_refined    0.166 0.200 ? 11  'X-RAY DIFFRACTION' ? 
r_symmetry_vdw_refined   0.173 0.200 ? 22  'X-RAY DIFFRACTION' ? 
r_symmetry_hbond_refined 0.144 0.200 ? 13  'X-RAY DIFFRACTION' ? 
r_scbond_it              1.259 3.000 ? 262 'X-RAY DIFFRACTION' ? 
r_scangle_it             1.662 4.500 ? 277 'X-RAY DIFFRACTION' ? 
# 
_refine_ls_shell.pdbx_total_number_of_bins_used   20 
_refine_ls_shell.d_res_high                       1.500 
_refine_ls_shell.d_res_low                        1.539 
_refine_ls_shell.number_reflns_R_work             201 
_refine_ls_shell.R_factor_R_work                  0.292 
_refine_ls_shell.percent_reflns_obs               72.79 
_refine_ls_shell.R_factor_R_free                  0.381 
_refine_ls_shell.R_factor_R_free_error            ? 
_refine_ls_shell.percent_reflns_R_free            ? 
_refine_ls_shell.number_reflns_R_free             5 
_refine_ls_shell.number_reflns_all                ? 
_refine_ls_shell.R_factor_all                     ? 
_refine_ls_shell.number_reflns_obs                ? 
_refine_ls_shell.redundancy_reflns_obs            ? 
_refine_ls_shell.pdbx_refine_id                   'X-RAY DIFFRACTION' 
# 
_struct.entry_id                  3K18 
_struct.title                     'Tellurium modified DNA-8mer' 
_struct.pdbx_model_details        ? 
_struct.pdbx_CASP_flag            ? 
_struct.pdbx_model_type_details   ? 
# 
_struct_keywords.entry_id        3K18 
_struct_keywords.pdbx_keywords   DNA 
_struct_keywords.text            'DNA Tellurium, DNA' 
# 
loop_
_struct_asym.id 
_struct_asym.pdbx_blank_PDB_chainid_flag 
_struct_asym.pdbx_modified 
_struct_asym.entity_id 
_struct_asym.details 
A N N 1 ? 
B N N 2 ? 
# 
_struct_ref.id                         1 
_struct_ref.db_name                    PDB 
_struct_ref.db_code                    3K18 
_struct_ref.pdbx_db_accession          3K18 
_struct_ref.entity_id                  1 
_struct_ref.pdbx_align_begin           ? 
_struct_ref.pdbx_seq_one_letter_code   GUGUACAC 
_struct_ref.pdbx_db_isoform            ? 
# 
_struct_ref_seq.align_id                      1 
_struct_ref_seq.ref_id                        1 
_struct_ref_seq.pdbx_PDB_id_code              3K18 
_struct_ref_seq.pdbx_strand_id                A 
_struct_ref_seq.seq_align_beg                 1 
_struct_ref_seq.pdbx_seq_align_beg_ins_code   ? 
_struct_ref_seq.seq_align_end                 8 
_struct_ref_seq.pdbx_seq_align_end_ins_code   ? 
_struct_ref_seq.pdbx_db_accession             3K18 
_struct_ref_seq.db_align_beg                  1 
_struct_ref_seq.pdbx_db_align_beg_ins_code    ? 
_struct_ref_seq.db_align_end                  8 
_struct_ref_seq.pdbx_db_align_end_ins_code    ? 
_struct_ref_seq.pdbx_auth_seq_align_beg       1 
_struct_ref_seq.pdbx_auth_seq_align_end       8 
# 
_pdbx_struct_assembly.id                   1 
_pdbx_struct_assembly.details              author_and_software_defined_assembly 
_pdbx_struct_assembly.method_details       PISA 
_pdbx_struct_assembly.oligomeric_details   dimeric 
_pdbx_struct_assembly.oligomeric_count     2 
# 
loop_
_pdbx_struct_assembly_prop.biol_id 
_pdbx_struct_assembly_prop.type 
_pdbx_struct_assembly_prop.value 
_pdbx_struct_assembly_prop.details 
1 'ABSA (A^2)' 1930 ? 
1 MORE         7    ? 
1 'SSA (A^2)'  2920 ? 
# 
_pdbx_struct_assembly_gen.assembly_id       1 
_pdbx_struct_assembly_gen.oper_expression   1,2 
_pdbx_struct_assembly_gen.asym_id_list      A,B 
# 
loop_
_pdbx_struct_oper_list.id 
_pdbx_struct_oper_list.type 
_pdbx_struct_oper_list.name 
_pdbx_struct_oper_list.symmetry_operation 
_pdbx_struct_oper_list.matrix[1][1] 
_pdbx_struct_oper_list.matrix[1][2] 
_pdbx_struct_oper_list.matrix[1][3] 
_pdbx_struct_oper_list.vector[1] 
_pdbx_struct_oper_list.matrix[2][1] 
_pdbx_struct_oper_list.matrix[2][2] 
_pdbx_struct_oper_list.matrix[2][3] 
_pdbx_struct_oper_list.vector[2] 
_pdbx_struct_oper_list.matrix[3][1] 
_pdbx_struct_oper_list.matrix[3][2] 
_pdbx_struct_oper_list.matrix[3][3] 
_pdbx_struct_oper_list.vector[3] 
1 'identity operation'         1_555 x,y,z    1.0000000000  0.0000000000 0.0000000000 0.0000000000  0.0000000000 1.0000000000  0.0000000000 0.0000000000 0.0000000000 0.0000000000 1.0000000000 0.0000000000  
2 'crystal symmetry operation' 7_556 y,x,-z+1 -0.8797490137 0.2069373980 0.4280404026 -4.3051198805 0.2069373980 -0.6438857760 0.7366057431 2.7093325920 0.4280404026 0.7366057431 0.5236347897 -0.1003814703 
# 
_struct_biol.id        1 
_struct_biol.details   ? 
# 
loop_
_struct_conn.id 
_struct_conn.conn_type_id 
_struct_conn.pdbx_leaving_atom_flag 
_struct_conn.pdbx_PDB_id 
_struct_conn.ptnr1_label_asym_id 
_struct_conn.ptnr1_label_comp_id 
_struct_conn.ptnr1_label_seq_id 
_struct_conn.ptnr1_label_atom_id 
_struct_conn.pdbx_ptnr1_label_alt_id 
_struct_conn.pdbx_ptnr1_PDB_ins_code 
_struct_conn.pdbx_ptnr1_standard_comp_id 
_struct_conn.ptnr1_symmetry 
_struct_conn.ptnr2_label_asym_id 
_struct_conn.ptnr2_label_comp_id 
_struct_conn.ptnr2_label_seq_id 
_struct_conn.ptnr2_label_atom_id 
_struct_conn.pdbx_ptnr2_label_alt_id 
_struct_conn.pdbx_ptnr2_PDB_ins_code 
_struct_conn.ptnr1_auth_asym_id 
_struct_conn.ptnr1_auth_comp_id 
_struct_conn.ptnr1_auth_seq_id 
_struct_conn.ptnr2_auth_asym_id 
_struct_conn.ptnr2_auth_comp_id 
_struct_conn.ptnr2_auth_seq_id 
_struct_conn.ptnr2_symmetry 
_struct_conn.pdbx_ptnr3_label_atom_id 
_struct_conn.pdbx_ptnr3_label_seq_id 
_struct_conn.pdbx_ptnr3_label_comp_id 
_struct_conn.pdbx_ptnr3_label_asym_id 
_struct_conn.pdbx_ptnr3_label_alt_id 
_struct_conn.pdbx_ptnr3_PDB_ins_code 
_struct_conn.details 
_struct_conn.pdbx_dist_value 
_struct_conn.pdbx_value_order 
_struct_conn.pdbx_role 
covale1  covale both ? A DG  1 "O3'" ? ? ? 1_555 A UMS 2 P  ? ? A DG  1 A UMS 2  1_555 ? ? ? ? ? ? ?            1.604 ? ? 
covale2  covale both ? A UMS 2 "O3'" ? ? ? 1_555 A DG  3 P  ? ? A UMS 2 A DG  3  1_555 ? ? ? ? ? ? ?            1.607 ? ? 
covale3  covale both ? A DG  3 "O3'" ? ? ? 1_555 A TTI 4 P  ? ? A DG  3 A TTI 4  1_555 ? ? ? ? ? ? ?            1.600 ? ? 
covale4  covale both ? A TTI 4 "O3'" ? ? ? 1_555 A DA  5 P  ? ? A TTI 4 A DA  5  1_555 ? ? ? ? ? ? ?            1.608 ? ? 
metalc1  metalc ?    ? A TTI 4 TE5   ? ? ? 1_555 B HOH . O  ? ? A TTI 4 A HOH 38 1_555 ? ? ? ? ? ? ?            2.374 ? ? 
hydrog1  hydrog ?    ? A DG  1 N1    ? ? ? 1_555 A DC  8 N3 ? ? A DG  1 A DC  8  7_556 ? ? ? ? ? ? WATSON-CRICK ?     ? ? 
hydrog2  hydrog ?    ? A DG  1 N2    ? ? ? 1_555 A DC  8 O2 ? ? A DG  1 A DC  8  7_556 ? ? ? ? ? ? WATSON-CRICK ?     ? ? 
hydrog3  hydrog ?    ? A DG  1 O6    ? ? ? 1_555 A DC  8 N4 ? ? A DG  1 A DC  8  7_556 ? ? ? ? ? ? WATSON-CRICK ?     ? ? 
hydrog4  hydrog ?    ? A UMS 2 N3    ? ? ? 1_555 A DA  7 N1 ? ? A UMS 2 A DA  7  7_556 ? ? ? ? ? ? WATSON-CRICK ?     ? ? 
hydrog5  hydrog ?    ? A UMS 2 O4    ? ? ? 1_555 A DA  7 N6 ? ? A UMS 2 A DA  7  7_556 ? ? ? ? ? ? WATSON-CRICK ?     ? ? 
hydrog6  hydrog ?    ? A DG  3 N1    ? ? ? 1_555 A DC  6 N3 ? ? A DG  3 A DC  6  7_556 ? ? ? ? ? ? WATSON-CRICK ?     ? ? 
hydrog7  hydrog ?    ? A DG  3 N2    ? ? ? 1_555 A DC  6 O2 ? ? A DG  3 A DC  6  7_556 ? ? ? ? ? ? WATSON-CRICK ?     ? ? 
hydrog8  hydrog ?    ? A DG  3 O6    ? ? ? 1_555 A DC  6 N4 ? ? A DG  3 A DC  6  7_556 ? ? ? ? ? ? WATSON-CRICK ?     ? ? 
hydrog9  hydrog ?    ? A TTI 4 N3    ? ? ? 1_555 A DA  5 N1 ? ? A TTI 4 A DA  5  7_556 ? ? ? ? ? ? WATSON-CRICK ?     ? ? 
hydrog10 hydrog ?    ? A TTI 4 O4    ? ? ? 1_555 A DA  5 N6 ? ? A TTI 4 A DA  5  7_556 ? ? ? ? ? ? WATSON-CRICK ?     ? ? 
hydrog11 hydrog ?    ? A DA  5 N1    ? ? ? 1_555 A TTI 4 N3 ? ? A DA  5 A TTI 4  7_556 ? ? ? ? ? ? WATSON-CRICK ?     ? ? 
hydrog12 hydrog ?    ? A DA  5 N6    ? ? ? 1_555 A TTI 4 O4 ? ? A DA  5 A TTI 4  7_556 ? ? ? ? ? ? WATSON-CRICK ?     ? ? 
hydrog13 hydrog ?    ? A DC  6 N3    ? ? ? 1_555 A DG  3 N1 ? ? A DC  6 A DG  3  7_556 ? ? ? ? ? ? WATSON-CRICK ?     ? ? 
hydrog14 hydrog ?    ? A DC  6 N4    ? ? ? 1_555 A DG  3 O6 ? ? A DC  6 A DG  3  7_556 ? ? ? ? ? ? WATSON-CRICK ?     ? ? 
hydrog15 hydrog ?    ? A DC  6 O2    ? ? ? 1_555 A DG  3 N2 ? ? A DC  6 A DG  3  7_556 ? ? ? ? ? ? WATSON-CRICK ?     ? ? 
hydrog16 hydrog ?    ? A DA  7 N1    ? ? ? 1_555 A UMS 2 N3 ? ? A DA  7 A UMS 2  7_556 ? ? ? ? ? ? WATSON-CRICK ?     ? ? 
hydrog17 hydrog ?    ? A DA  7 N6    ? ? ? 1_555 A UMS 2 O4 ? ? A DA  7 A UMS 2  7_556 ? ? ? ? ? ? WATSON-CRICK ?     ? ? 
hydrog18 hydrog ?    ? A DC  8 N3    ? ? ? 1_555 A DG  1 N1 ? ? A DC  8 A DG  1  7_556 ? ? ? ? ? ? WATSON-CRICK ?     ? ? 
hydrog19 hydrog ?    ? A DC  8 N4    ? ? ? 1_555 A DG  1 O6 ? ? A DC  8 A DG  1  7_556 ? ? ? ? ? ? WATSON-CRICK ?     ? ? 
hydrog20 hydrog ?    ? A DC  8 O2    ? ? ? 1_555 A DG  1 N2 ? ? A DC  8 A DG  1  7_556 ? ? ? ? ? ? WATSON-CRICK ?     ? ? 
# 
loop_
_struct_conn_type.id 
_struct_conn_type.criteria 
_struct_conn_type.reference 
covale ? ? 
metalc ? ? 
hydrog ? ? 
# 
_pdbx_struct_conn_angle.id                    1 
_pdbx_struct_conn_angle.ptnr1_label_atom_id   O 
_pdbx_struct_conn_angle.ptnr1_label_alt_id    ? 
_pdbx_struct_conn_angle.ptnr1_label_asym_id   B 
_pdbx_struct_conn_angle.ptnr1_label_comp_id   HOH 
_pdbx_struct_conn_angle.ptnr1_label_seq_id    . 
_pdbx_struct_conn_angle.ptnr1_auth_atom_id    ? 
_pdbx_struct_conn_angle.ptnr1_auth_asym_id    A 
_pdbx_struct_conn_angle.ptnr1_auth_comp_id    HOH 
_pdbx_struct_conn_angle.ptnr1_auth_seq_id     38 
_pdbx_struct_conn_angle.ptnr1_PDB_ins_code    ? 
_pdbx_struct_conn_angle.ptnr1_symmetry        1_555 
_pdbx_struct_conn_angle.ptnr2_label_atom_id   TE5 
_pdbx_struct_conn_angle.ptnr2_label_alt_id    ? 
_pdbx_struct_conn_angle.ptnr2_label_asym_id   A 
_pdbx_struct_conn_angle.ptnr2_label_comp_id   TTI 
_pdbx_struct_conn_angle.ptnr2_label_seq_id    4 
_pdbx_struct_conn_angle.ptnr2_auth_atom_id    ? 
_pdbx_struct_conn_angle.ptnr2_auth_asym_id    A 
_pdbx_struct_conn_angle.ptnr2_auth_comp_id    TTI 
_pdbx_struct_conn_angle.ptnr2_auth_seq_id     4 
_pdbx_struct_conn_angle.ptnr2_PDB_ins_code    ? 
_pdbx_struct_conn_angle.ptnr2_symmetry        1_555 
_pdbx_struct_conn_angle.ptnr3_label_atom_id   C5 
_pdbx_struct_conn_angle.ptnr3_label_alt_id    ? 
_pdbx_struct_conn_angle.ptnr3_label_asym_id   A 
_pdbx_struct_conn_angle.ptnr3_label_comp_id   TTI 
_pdbx_struct_conn_angle.ptnr3_label_seq_id    4 
_pdbx_struct_conn_angle.ptnr3_auth_atom_id    ? 
_pdbx_struct_conn_angle.ptnr3_auth_asym_id    A 
_pdbx_struct_conn_angle.ptnr3_auth_comp_id    TTI 
_pdbx_struct_conn_angle.ptnr3_auth_seq_id     4 
_pdbx_struct_conn_angle.ptnr3_PDB_ins_code    ? 
_pdbx_struct_conn_angle.ptnr3_symmetry        1_555 
_pdbx_struct_conn_angle.value                 173.4 
_pdbx_struct_conn_angle.value_esd             ? 
# 
_pdbx_validate_rmsd_angle.id                         1 
_pdbx_validate_rmsd_angle.PDB_model_num              1 
_pdbx_validate_rmsd_angle.auth_atom_id_1             "C4'" 
_pdbx_validate_rmsd_angle.auth_asym_id_1             A 
_pdbx_validate_rmsd_angle.auth_comp_id_1             DG 
_pdbx_validate_rmsd_angle.auth_seq_id_1              3 
_pdbx_validate_rmsd_angle.PDB_ins_code_1             ? 
_pdbx_validate_rmsd_angle.label_alt_id_1             ? 
_pdbx_validate_rmsd_angle.auth_atom_id_2             "C3'" 
_pdbx_validate_rmsd_angle.auth_asym_id_2             A 
_pdbx_validate_rmsd_angle.auth_comp_id_2             DG 
_pdbx_validate_rmsd_angle.auth_seq_id_2              3 
_pdbx_validate_rmsd_angle.PDB_ins_code_2             ? 
_pdbx_validate_rmsd_angle.label_alt_id_2             ? 
_pdbx_validate_rmsd_angle.auth_atom_id_3             "C2'" 
_pdbx_validate_rmsd_angle.auth_asym_id_3             A 
_pdbx_validate_rmsd_angle.auth_comp_id_3             DG 
_pdbx_validate_rmsd_angle.auth_seq_id_3              3 
_pdbx_validate_rmsd_angle.PDB_ins_code_3             ? 
_pdbx_validate_rmsd_angle.label_alt_id_3             ? 
_pdbx_validate_rmsd_angle.angle_value                97.69 
_pdbx_validate_rmsd_angle.angle_target_value         102.20 
_pdbx_validate_rmsd_angle.angle_deviation            -4.51 
_pdbx_validate_rmsd_angle.angle_standard_deviation   0.70 
_pdbx_validate_rmsd_angle.linker_flag                N 
# 
loop_
_pdbx_struct_mod_residue.id 
_pdbx_struct_mod_residue.label_asym_id 
_pdbx_struct_mod_residue.label_comp_id 
_pdbx_struct_mod_residue.label_seq_id 
_pdbx_struct_mod_residue.auth_asym_id 
_pdbx_struct_mod_residue.auth_comp_id 
_pdbx_struct_mod_residue.auth_seq_id 
_pdbx_struct_mod_residue.PDB_ins_code 
_pdbx_struct_mod_residue.parent_comp_id 
_pdbx_struct_mod_residue.details 
1 A UMS 2 A UMS 2 ? DU ? 
2 A TTI 4 A TTI 4 ? DU ? 
# 
_pdbx_refine_tls.pdbx_refine_id   'X-RAY DIFFRACTION' 
_pdbx_refine_tls.id               1 
_pdbx_refine_tls.details          ? 
_pdbx_refine_tls.method           refined 
_pdbx_refine_tls.origin_x         -0.1465 
_pdbx_refine_tls.origin_y         -0.0537 
_pdbx_refine_tls.origin_z         0.0265 
_pdbx_refine_tls.T[1][1]          0.0263 
_pdbx_refine_tls.T[2][2]          0.0324 
_pdbx_refine_tls.T[3][3]          0.0021 
_pdbx_refine_tls.T[1][2]          -0.0245 
_pdbx_refine_tls.T[1][3]          0.0098 
_pdbx_refine_tls.T[2][3]          0.0097 
_pdbx_refine_tls.L[1][1]          0.3222 
_pdbx_refine_tls.L[2][2]          0.3535 
_pdbx_refine_tls.L[3][3]          0.5148 
_pdbx_refine_tls.L[1][2]          -0.3065 
_pdbx_refine_tls.L[1][3]          -0.1082 
_pdbx_refine_tls.L[2][3]          -0.0693 
_pdbx_refine_tls.S[1][1]          -0.0623 
_pdbx_refine_tls.S[1][2]          -0.0538 
_pdbx_refine_tls.S[1][3]          0.0220 
_pdbx_refine_tls.S[2][1]          -0.0312 
_pdbx_refine_tls.S[2][2]          -0.0681 
_pdbx_refine_tls.S[2][3]          -0.0225 
_pdbx_refine_tls.S[3][1]          0.0869 
_pdbx_refine_tls.S[3][2]          0.2131 
_pdbx_refine_tls.S[3][3]          0.1304 
# 
_pdbx_refine_tls_group.pdbx_refine_id      'X-RAY DIFFRACTION' 
_pdbx_refine_tls_group.id                  1 
_pdbx_refine_tls_group.refine_tls_id       1 
_pdbx_refine_tls_group.beg_auth_asym_id    A 
_pdbx_refine_tls_group.beg_auth_seq_id     1 
_pdbx_refine_tls_group.beg_label_asym_id   ? 
_pdbx_refine_tls_group.beg_label_seq_id    ? 
_pdbx_refine_tls_group.end_auth_asym_id    A 
_pdbx_refine_tls_group.end_auth_seq_id     8 
_pdbx_refine_tls_group.end_label_asym_id   ? 
_pdbx_refine_tls_group.end_label_seq_id    ? 
_pdbx_refine_tls_group.selection           ? 
_pdbx_refine_tls_group.selection_details   ? 
# 
loop_
_chem_comp_atom.comp_id 
_chem_comp_atom.atom_id 
_chem_comp_atom.type_symbol 
_chem_comp_atom.pdbx_aromatic_flag 
_chem_comp_atom.pdbx_stereo_config 
_chem_comp_atom.pdbx_ordinal 
DA  OP3    O  N N 1   
DA  P      P  N N 2   
DA  OP1    O  N N 3   
DA  OP2    O  N N 4   
DA  "O5'"  O  N N 5   
DA  "C5'"  C  N N 6   
DA  "C4'"  C  N R 7   
DA  "O4'"  O  N N 8   
DA  "C3'"  C  N S 9   
DA  "O3'"  O  N N 10  
DA  "C2'"  C  N N 11  
DA  "C1'"  C  N R 12  
DA  N9     N  Y N 13  
DA  C8     C  Y N 14  
DA  N7     N  Y N 15  
DA  C5     C  Y N 16  
DA  C6     C  Y N 17  
DA  N6     N  N N 18  
DA  N1     N  Y N 19  
DA  C2     C  Y N 20  
DA  N3     N  Y N 21  
DA  C4     C  Y N 22  
DA  HOP3   H  N N 23  
DA  HOP2   H  N N 24  
DA  "H5'"  H  N N 25  
DA  "H5''" H  N N 26  
DA  "H4'"  H  N N 27  
DA  "H3'"  H  N N 28  
DA  "HO3'" H  N N 29  
DA  "H2'"  H  N N 30  
DA  "H2''" H  N N 31  
DA  "H1'"  H  N N 32  
DA  H8     H  N N 33  
DA  H61    H  N N 34  
DA  H62    H  N N 35  
DA  H2     H  N N 36  
DC  OP3    O  N N 37  
DC  P      P  N N 38  
DC  OP1    O  N N 39  
DC  OP2    O  N N 40  
DC  "O5'"  O  N N 41  
DC  "C5'"  C  N N 42  
DC  "C4'"  C  N R 43  
DC  "O4'"  O  N N 44  
DC  "C3'"  C  N S 45  
DC  "O3'"  O  N N 46  
DC  "C2'"  C  N N 47  
DC  "C1'"  C  N R 48  
DC  N1     N  N N 49  
DC  C2     C  N N 50  
DC  O2     O  N N 51  
DC  N3     N  N N 52  
DC  C4     C  N N 53  
DC  N4     N  N N 54  
DC  C5     C  N N 55  
DC  C6     C  N N 56  
DC  HOP3   H  N N 57  
DC  HOP2   H  N N 58  
DC  "H5'"  H  N N 59  
DC  "H5''" H  N N 60  
DC  "H4'"  H  N N 61  
DC  "H3'"  H  N N 62  
DC  "HO3'" H  N N 63  
DC  "H2'"  H  N N 64  
DC  "H2''" H  N N 65  
DC  "H1'"  H  N N 66  
DC  H41    H  N N 67  
DC  H42    H  N N 68  
DC  H5     H  N N 69  
DC  H6     H  N N 70  
DG  OP3    O  N N 71  
DG  P      P  N N 72  
DG  OP1    O  N N 73  
DG  OP2    O  N N 74  
DG  "O5'"  O  N N 75  
DG  "C5'"  C  N N 76  
DG  "C4'"  C  N R 77  
DG  "O4'"  O  N N 78  
DG  "C3'"  C  N S 79  
DG  "O3'"  O  N N 80  
DG  "C2'"  C  N N 81  
DG  "C1'"  C  N R 82  
DG  N9     N  Y N 83  
DG  C8     C  Y N 84  
DG  N7     N  Y N 85  
DG  C5     C  Y N 86  
DG  C6     C  N N 87  
DG  O6     O  N N 88  
DG  N1     N  N N 89  
DG  C2     C  N N 90  
DG  N2     N  N N 91  
DG  N3     N  N N 92  
DG  C4     C  Y N 93  
DG  HOP3   H  N N 94  
DG  HOP2   H  N N 95  
DG  "H5'"  H  N N 96  
DG  "H5''" H  N N 97  
DG  "H4'"  H  N N 98  
DG  "H3'"  H  N N 99  
DG  "HO3'" H  N N 100 
DG  "H2'"  H  N N 101 
DG  "H2''" H  N N 102 
DG  "H1'"  H  N N 103 
DG  H8     H  N N 104 
DG  H1     H  N N 105 
DG  H21    H  N N 106 
DG  H22    H  N N 107 
HOH O      O  N N 108 
HOH H1     H  N N 109 
HOH H2     H  N N 110 
TTI O3P    O  N N 111 
TTI N1     N  N N 112 
TTI C2     C  N N 113 
TTI O2     O  N N 114 
TTI N3     N  N N 115 
TTI C4     C  N N 116 
TTI O4     O  N N 117 
TTI C5     C  N N 118 
TTI C6     C  N N 119 
TTI "C1'"  C  N R 120 
TTI "C2'"  C  N N 121 
TTI "C3'"  C  N S 122 
TTI "O3'"  O  N N 123 
TTI "C4'"  C  N R 124 
TTI "O4'"  O  N N 125 
TTI "C5'"  C  N N 126 
TTI "O5'"  O  N N 127 
TTI P      P  N N 128 
TTI O1P    O  N N 129 
TTI O2P    O  N N 130 
TTI TE5    TE N N 131 
TTI HO3P   H  N N 132 
TTI HN3    H  N N 133 
TTI H6     H  N N 134 
TTI H6A    H  N N 135 
TTI "H1'"  H  N N 136 
TTI "H2'"  H  N N 137 
TTI "H2'A" H  N N 138 
TTI "H3'"  H  N N 139 
TTI "HO3'" H  N N 140 
TTI "H4'"  H  N N 141 
TTI "H5'"  H  N N 142 
TTI "H5'A" H  N N 143 
TTI HO2P   H  N N 144 
UMS OP3    O  N N 145 
UMS P      P  N N 146 
UMS OP1    O  N N 147 
UMS OP2    O  N N 148 
UMS "O5'"  O  N N 149 
UMS "C5'"  C  N N 150 
UMS "C4'"  C  N R 151 
UMS "O4'"  O  N N 152 
UMS "C3'"  C  N R 153 
UMS "O3'"  O  N N 154 
UMS "C2'"  C  N R 155 
UMS "SE2'" SE N N 156 
UMS "C1'"  C  N R 157 
UMS "CA'"  C  N N 158 
UMS N1     N  N N 159 
UMS C2     C  N N 160 
UMS O2     O  N N 161 
UMS N3     N  N N 162 
UMS C4     C  N N 163 
UMS O4     O  N N 164 
UMS C5     C  N N 165 
UMS C6     C  N N 166 
UMS HOP3   H  N N 167 
UMS HOP2   H  N N 168 
UMS "H5'"  H  N N 169 
UMS "H5'2" H  N N 170 
UMS "H4'"  H  N N 171 
UMS "H3'"  H  N N 172 
UMS "HO3'" H  N N 173 
UMS "H2'"  H  N N 174 
UMS "H1'"  H  N N 175 
UMS "HA'"  H  N N 176 
UMS "HA'2" H  N N 177 
UMS "HA'3" H  N N 178 
UMS H3     H  N N 179 
UMS H5     H  N N 180 
UMS H6     H  N N 181 
# 
loop_
_chem_comp_bond.comp_id 
_chem_comp_bond.atom_id_1 
_chem_comp_bond.atom_id_2 
_chem_comp_bond.value_order 
_chem_comp_bond.pdbx_aromatic_flag 
_chem_comp_bond.pdbx_stereo_config 
_chem_comp_bond.pdbx_ordinal 
DA  OP3    P      sing N N 1   
DA  OP3    HOP3   sing N N 2   
DA  P      OP1    doub N N 3   
DA  P      OP2    sing N N 4   
DA  P      "O5'"  sing N N 5   
DA  OP2    HOP2   sing N N 6   
DA  "O5'"  "C5'"  sing N N 7   
DA  "C5'"  "C4'"  sing N N 8   
DA  "C5'"  "H5'"  sing N N 9   
DA  "C5'"  "H5''" sing N N 10  
DA  "C4'"  "O4'"  sing N N 11  
DA  "C4'"  "C3'"  sing N N 12  
DA  "C4'"  "H4'"  sing N N 13  
DA  "O4'"  "C1'"  sing N N 14  
DA  "C3'"  "O3'"  sing N N 15  
DA  "C3'"  "C2'"  sing N N 16  
DA  "C3'"  "H3'"  sing N N 17  
DA  "O3'"  "HO3'" sing N N 18  
DA  "C2'"  "C1'"  sing N N 19  
DA  "C2'"  "H2'"  sing N N 20  
DA  "C2'"  "H2''" sing N N 21  
DA  "C1'"  N9     sing N N 22  
DA  "C1'"  "H1'"  sing N N 23  
DA  N9     C8     sing Y N 24  
DA  N9     C4     sing Y N 25  
DA  C8     N7     doub Y N 26  
DA  C8     H8     sing N N 27  
DA  N7     C5     sing Y N 28  
DA  C5     C6     sing Y N 29  
DA  C5     C4     doub Y N 30  
DA  C6     N6     sing N N 31  
DA  C6     N1     doub Y N 32  
DA  N6     H61    sing N N 33  
DA  N6     H62    sing N N 34  
DA  N1     C2     sing Y N 35  
DA  C2     N3     doub Y N 36  
DA  C2     H2     sing N N 37  
DA  N3     C4     sing Y N 38  
DC  OP3    P      sing N N 39  
DC  OP3    HOP3   sing N N 40  
DC  P      OP1    doub N N 41  
DC  P      OP2    sing N N 42  
DC  P      "O5'"  sing N N 43  
DC  OP2    HOP2   sing N N 44  
DC  "O5'"  "C5'"  sing N N 45  
DC  "C5'"  "C4'"  sing N N 46  
DC  "C5'"  "H5'"  sing N N 47  
DC  "C5'"  "H5''" sing N N 48  
DC  "C4'"  "O4'"  sing N N 49  
DC  "C4'"  "C3'"  sing N N 50  
DC  "C4'"  "H4'"  sing N N 51  
DC  "O4'"  "C1'"  sing N N 52  
DC  "C3'"  "O3'"  sing N N 53  
DC  "C3'"  "C2'"  sing N N 54  
DC  "C3'"  "H3'"  sing N N 55  
DC  "O3'"  "HO3'" sing N N 56  
DC  "C2'"  "C1'"  sing N N 57  
DC  "C2'"  "H2'"  sing N N 58  
DC  "C2'"  "H2''" sing N N 59  
DC  "C1'"  N1     sing N N 60  
DC  "C1'"  "H1'"  sing N N 61  
DC  N1     C2     sing N N 62  
DC  N1     C6     sing N N 63  
DC  C2     O2     doub N N 64  
DC  C2     N3     sing N N 65  
DC  N3     C4     doub N N 66  
DC  C4     N4     sing N N 67  
DC  C4     C5     sing N N 68  
DC  N4     H41    sing N N 69  
DC  N4     H42    sing N N 70  
DC  C5     C6     doub N N 71  
DC  C5     H5     sing N N 72  
DC  C6     H6     sing N N 73  
DG  OP3    P      sing N N 74  
DG  OP3    HOP3   sing N N 75  
DG  P      OP1    doub N N 76  
DG  P      OP2    sing N N 77  
DG  P      "O5'"  sing N N 78  
DG  OP2    HOP2   sing N N 79  
DG  "O5'"  "C5'"  sing N N 80  
DG  "C5'"  "C4'"  sing N N 81  
DG  "C5'"  "H5'"  sing N N 82  
DG  "C5'"  "H5''" sing N N 83  
DG  "C4'"  "O4'"  sing N N 84  
DG  "C4'"  "C3'"  sing N N 85  
DG  "C4'"  "H4'"  sing N N 86  
DG  "O4'"  "C1'"  sing N N 87  
DG  "C3'"  "O3'"  sing N N 88  
DG  "C3'"  "C2'"  sing N N 89  
DG  "C3'"  "H3'"  sing N N 90  
DG  "O3'"  "HO3'" sing N N 91  
DG  "C2'"  "C1'"  sing N N 92  
DG  "C2'"  "H2'"  sing N N 93  
DG  "C2'"  "H2''" sing N N 94  
DG  "C1'"  N9     sing N N 95  
DG  "C1'"  "H1'"  sing N N 96  
DG  N9     C8     sing Y N 97  
DG  N9     C4     sing Y N 98  
DG  C8     N7     doub Y N 99  
DG  C8     H8     sing N N 100 
DG  N7     C5     sing Y N 101 
DG  C5     C6     sing N N 102 
DG  C5     C4     doub Y N 103 
DG  C6     O6     doub N N 104 
DG  C6     N1     sing N N 105 
DG  N1     C2     sing N N 106 
DG  N1     H1     sing N N 107 
DG  C2     N2     sing N N 108 
DG  C2     N3     doub N N 109 
DG  N2     H21    sing N N 110 
DG  N2     H22    sing N N 111 
DG  N3     C4     sing N N 112 
HOH O      H1     sing N N 113 
HOH O      H2     sing N N 114 
TTI O3P    P      sing N N 115 
TTI O3P    HO3P   sing N N 116 
TTI C2     N1     sing N N 117 
TTI N1     C6     sing N N 118 
TTI N1     "C1'"  sing N N 119 
TTI N3     C2     sing N N 120 
TTI O2     C2     doub N N 121 
TTI N3     C4     sing N N 122 
TTI N3     HN3    sing N N 123 
TTI O4     C4     doub N N 124 
TTI C4     C5     sing N N 125 
TTI C5     TE5    doub N N 126 
TTI C5     C6     sing N N 127 
TTI C6     H6     sing N N 128 
TTI C6     H6A    sing N N 129 
TTI "C1'"  "O4'"  sing N N 130 
TTI "C1'"  "C2'"  sing N N 131 
TTI "C1'"  "H1'"  sing N N 132 
TTI "C2'"  "C3'"  sing N N 133 
TTI "C2'"  "H2'"  sing N N 134 
TTI "C2'"  "H2'A" sing N N 135 
TTI "C4'"  "C3'"  sing N N 136 
TTI "C3'"  "O3'"  sing N N 137 
TTI "C3'"  "H3'"  sing N N 138 
TTI "O3'"  "HO3'" sing N N 139 
TTI "O4'"  "C4'"  sing N N 140 
TTI "C4'"  "C5'"  sing N N 141 
TTI "C4'"  "H4'"  sing N N 142 
TTI "O5'"  "C5'"  sing N N 143 
TTI "C5'"  "H5'"  sing N N 144 
TTI "C5'"  "H5'A" sing N N 145 
TTI "O5'"  P      sing N N 146 
TTI O1P    P      doub N N 147 
TTI P      O2P    sing N N 148 
TTI O2P    HO2P   sing N N 149 
UMS OP3    P      sing N N 150 
UMS OP3    HOP3   sing N N 151 
UMS P      OP1    doub N N 152 
UMS P      OP2    sing N N 153 
UMS P      "O5'"  sing N N 154 
UMS OP2    HOP2   sing N N 155 
UMS "O5'"  "C5'"  sing N N 156 
UMS "C5'"  "C4'"  sing N N 157 
UMS "C5'"  "H5'"  sing N N 158 
UMS "C5'"  "H5'2" sing N N 159 
UMS "C4'"  "O4'"  sing N N 160 
UMS "C4'"  "C3'"  sing N N 161 
UMS "C4'"  "H4'"  sing N N 162 
UMS "O4'"  "C1'"  sing N N 163 
UMS "C3'"  "O3'"  sing N N 164 
UMS "C3'"  "C2'"  sing N N 165 
UMS "C3'"  "H3'"  sing N N 166 
UMS "O3'"  "HO3'" sing N N 167 
UMS "C2'"  "SE2'" sing N N 168 
UMS "C2'"  "C1'"  sing N N 169 
UMS "C2'"  "H2'"  sing N N 170 
UMS "SE2'" "CA'"  sing N N 171 
UMS "C1'"  N1     sing N N 172 
UMS "C1'"  "H1'"  sing N N 173 
UMS "CA'"  "HA'"  sing N N 174 
UMS "CA'"  "HA'2" sing N N 175 
UMS "CA'"  "HA'3" sing N N 176 
UMS N1     C2     sing N N 177 
UMS N1     C6     sing N N 178 
UMS C2     O2     doub N N 179 
UMS C2     N3     sing N N 180 
UMS N3     C4     sing N N 181 
UMS N3     H3     sing N N 182 
UMS C4     O4     doub N N 183 
UMS C4     C5     sing N N 184 
UMS C5     C6     doub N N 185 
UMS C5     H5     sing N N 186 
UMS C6     H6     sing N N 187 
# 
_ndb_struct_conf_na.entry_id   3K18 
_ndb_struct_conf_na.feature    'a-form double helix' 
# 
loop_
_ndb_struct_na_base_pair.model_number 
_ndb_struct_na_base_pair.i_label_asym_id 
_ndb_struct_na_base_pair.i_label_comp_id 
_ndb_struct_na_base_pair.i_label_seq_id 
_ndb_struct_na_base_pair.i_symmetry 
_ndb_struct_na_base_pair.j_label_asym_id 
_ndb_struct_na_base_pair.j_label_comp_id 
_ndb_struct_na_base_pair.j_label_seq_id 
_ndb_struct_na_base_pair.j_symmetry 
_ndb_struct_na_base_pair.shear 
_ndb_struct_na_base_pair.stretch 
_ndb_struct_na_base_pair.stagger 
_ndb_struct_na_base_pair.buckle 
_ndb_struct_na_base_pair.propeller 
_ndb_struct_na_base_pair.opening 
_ndb_struct_na_base_pair.pair_number 
_ndb_struct_na_base_pair.pair_name 
_ndb_struct_na_base_pair.i_auth_asym_id 
_ndb_struct_na_base_pair.i_auth_seq_id 
_ndb_struct_na_base_pair.i_PDB_ins_code 
_ndb_struct_na_base_pair.j_auth_asym_id 
_ndb_struct_na_base_pair.j_auth_seq_id 
_ndb_struct_na_base_pair.j_PDB_ins_code 
_ndb_struct_na_base_pair.hbond_type_28 
_ndb_struct_na_base_pair.hbond_type_12 
1 A DG  1 1_555 A DC  8 7_556 -0.382 -0.096 -0.303 -18.917 -11.523 -2.510 1 A_DG1:DC8_A  A 1 ? A 8 ? 19 1 
1 A UMS 2 1_555 A DA  7 7_556 -0.108 -0.068 0.243  -8.887  -11.661 1.494  2 A_UMS2:DA7_A A 2 ? A 7 ? 20 1 
1 A DG  3 1_555 A DC  6 7_556 -0.237 -0.177 0.163  -4.606  -13.468 0.007  3 A_DG3:DC6_A  A 3 ? A 6 ? 19 1 
1 A TTI 4 1_555 A DA  5 7_556 -0.128 -0.172 0.365  -5.945  -9.633  -4.571 4 A_TTI4:DA5_A A 4 ? A 5 ? 20 1 
1 A DA  5 1_555 A TTI 4 7_556 0.128  -0.172 0.365  5.945   -9.633  -4.571 5 A_DA5:TTI4_A A 5 ? A 4 ? 20 1 
1 A DC  6 1_555 A DG  3 7_556 0.237  -0.177 0.163  4.606   -13.468 0.007  6 A_DC6:DG3_A  A 6 ? A 3 ? 19 1 
1 A DA  7 1_555 A UMS 2 7_556 0.108  -0.068 0.243  8.887   -11.661 1.494  7 A_DA7:UMS2_A A 7 ? A 2 ? 20 1 
1 A DC  8 1_555 A DG  1 7_556 0.382  -0.096 -0.303 18.917  -11.523 -2.510 8 A_DC8:DG1_A  A 8 ? A 1 ? 19 1 
# 
loop_
_ndb_struct_na_base_pair_step.model_number 
_ndb_struct_na_base_pair_step.i_label_asym_id_1 
_ndb_struct_na_base_pair_step.i_label_comp_id_1 
_ndb_struct_na_base_pair_step.i_label_seq_id_1 
_ndb_struct_na_base_pair_step.i_symmetry_1 
_ndb_struct_na_base_pair_step.j_label_asym_id_1 
_ndb_struct_na_base_pair_step.j_label_comp_id_1 
_ndb_struct_na_base_pair_step.j_label_seq_id_1 
_ndb_struct_na_base_pair_step.j_symmetry_1 
_ndb_struct_na_base_pair_step.i_label_asym_id_2 
_ndb_struct_na_base_pair_step.i_label_comp_id_2 
_ndb_struct_na_base_pair_step.i_label_seq_id_2 
_ndb_struct_na_base_pair_step.i_symmetry_2 
_ndb_struct_na_base_pair_step.j_label_asym_id_2 
_ndb_struct_na_base_pair_step.j_label_comp_id_2 
_ndb_struct_na_base_pair_step.j_label_seq_id_2 
_ndb_struct_na_base_pair_step.j_symmetry_2 
_ndb_struct_na_base_pair_step.shift 
_ndb_struct_na_base_pair_step.slide 
_ndb_struct_na_base_pair_step.rise 
_ndb_struct_na_base_pair_step.tilt 
_ndb_struct_na_base_pair_step.roll 
_ndb_struct_na_base_pair_step.twist 
_ndb_struct_na_base_pair_step.x_displacement 
_ndb_struct_na_base_pair_step.y_displacement 
_ndb_struct_na_base_pair_step.helical_rise 
_ndb_struct_na_base_pair_step.inclination 
_ndb_struct_na_base_pair_step.tip 
_ndb_struct_na_base_pair_step.helical_twist 
_ndb_struct_na_base_pair_step.step_number 
_ndb_struct_na_base_pair_step.step_name 
_ndb_struct_na_base_pair_step.i_auth_asym_id_1 
_ndb_struct_na_base_pair_step.i_auth_seq_id_1 
_ndb_struct_na_base_pair_step.i_PDB_ins_code_1 
_ndb_struct_na_base_pair_step.j_auth_asym_id_1 
_ndb_struct_na_base_pair_step.j_auth_seq_id_1 
_ndb_struct_na_base_pair_step.j_PDB_ins_code_1 
_ndb_struct_na_base_pair_step.i_auth_asym_id_2 
_ndb_struct_na_base_pair_step.i_auth_seq_id_2 
_ndb_struct_na_base_pair_step.i_PDB_ins_code_2 
_ndb_struct_na_base_pair_step.j_auth_asym_id_2 
_ndb_struct_na_base_pair_step.j_auth_seq_id_2 
_ndb_struct_na_base_pair_step.j_PDB_ins_code_2 
1 A DG  1 1_555 A DC  8 7_556 A UMS 2 1_555 A DA  7 7_556 0.397  -1.009 3.106 -3.410 12.880 31.149 -3.581 -1.171 2.454 22.727 
6.018  33.813 1 AA_DG1UMS2:DA7DC8_AA  A 1 ? A 8 ? A 2 ? A 7 ? 
1 A UMS 2 1_555 A DA  7 7_556 A DG  3 1_555 A DC  6 7_556 0.639  -1.491 3.052 1.905  10.824 29.976 -4.414 -0.864 2.417 20.096 
-3.537 31.884 2 AA_UMS2DG3:DC6DA7_AA  A 2 ? A 7 ? A 3 ? A 6 ? 
1 A DG  3 1_555 A DC  6 7_556 A TTI 4 1_555 A DA  5 7_556 -0.334 -1.676 3.338 -0.517 1.190  35.148 -2.954 0.475  3.286 1.969  
0.856  35.171 3 AA_DG3TTI4:DA5DC6_AA  A 3 ? A 6 ? A 4 ? A 5 ? 
1 A TTI 4 1_555 A DA  5 7_556 A DA  5 1_555 A TTI 4 7_556 0.000  -1.657 2.863 0.000  3.687  29.476 -3.887 0.000  2.641 7.210  
0.000  29.700 4 AA_TTI4DA5:TTI4DA5_AA A 4 ? A 5 ? A 5 ? A 4 ? 
1 A DA  5 1_555 A TTI 4 7_556 A DC  6 1_555 A DG  3 7_556 0.334  -1.676 3.338 0.517  1.190  35.148 -2.954 -0.475 3.286 1.969  
-0.856 35.171 5 AA_DA5DC6:DG3TTI4_AA  A 5 ? A 4 ? A 6 ? A 3 ? 
1 A DC  6 1_555 A DG  3 7_556 A DA  7 1_555 A UMS 2 7_556 -0.639 -1.491 3.052 -1.905 10.824 29.976 -4.414 0.864  2.417 20.096 
3.537  31.884 6 AA_DC6DA7:UMS2DG3_AA  A 6 ? A 3 ? A 7 ? A 2 ? 
1 A DA  7 1_555 A UMS 2 7_556 A DC  8 1_555 A DG  1 7_556 -0.397 -1.009 3.106 3.410  12.880 31.149 -3.581 1.171  2.454 22.727 
-6.018 33.813 7 AA_DA7DC8:DG1UMS2_AA  A 7 ? A 2 ? A 8 ? A 1 ? 
# 
_atom_sites.entry_id                    3K18 
_atom_sites.fract_transf_matrix[1][1]   -0.00033698 
_atom_sites.fract_transf_matrix[1][2]   -0.00686773 
_atom_sites.fract_transf_matrix[1][3]   0.02238997 
_atom_sites.fract_transf_matrix[2][1]   0.00845908 
_atom_sites.fract_transf_matrix[2][2]   0.02084488 
_atom_sites.fract_transf_matrix[2][3]   0.00652112 
_atom_sites.fract_transf_matrix[3][1]   -0.03850783 
_atom_sites.fract_transf_matrix[3][2]   0.01442409 
_atom_sites.fract_transf_matrix[3][3]   0.00384478 
_atom_sites.fract_transf_vector[1]      0.785544 
_atom_sites.fract_transf_vector[2]      0.766140 
_atom_sites.fract_transf_vector[3]      0.397761 
# 
loop_
_atom_type.symbol 
C  
N  
O  
P  
SE 
TE 
# 
loop_
_atom_site.group_PDB 
_atom_site.id 
_atom_site.type_symbol 
_atom_site.label_atom_id 
_atom_site.label_alt_id 
_atom_site.label_comp_id 
_atom_site.label_asym_id 
_atom_site.label_entity_id 
_atom_site.label_seq_id 
_atom_site.pdbx_PDB_ins_code 
_atom_site.Cartn_x 
_atom_site.Cartn_y 
_atom_site.Cartn_z 
_atom_site.occupancy 
_atom_site.B_iso_or_equiv 
_atom_site.pdbx_formal_charge 
_atom_site.auth_seq_id 
_atom_site.auth_comp_id 
_atom_site.auth_asym_id 
_atom_site.auth_atom_id 
_atom_site.pdbx_PDB_model_num 
ATOM   1   O  "O5'"  . DG  A 1 1 ? -6.719 1.461  12.343  1.00 17.79 ? 1  DG  A "O5'"  1 
ATOM   2   C  "C5'"  . DG  A 1 1 ? -6.417 1.082  13.688  1.00 17.40 ? 1  DG  A "C5'"  1 
ATOM   3   C  "C4'"  . DG  A 1 1 ? -6.188 -0.425 13.785  1.00 17.79 ? 1  DG  A "C4'"  1 
ATOM   4   O  "O4'"  . DG  A 1 1 ? -7.401 -1.127 13.400  1.00 17.30 ? 1  DG  A "O4'"  1 
ATOM   5   C  "C3'"  . DG  A 1 1 ? -5.101 -1.026 12.889  1.00 17.06 ? 1  DG  A "C3'"  1 
ATOM   6   O  "O3'"  . DG  A 1 1 ? -3.828 -0.912 13.504  1.00 16.79 ? 1  DG  A "O3'"  1 
ATOM   7   C  "C2'"  . DG  A 1 1 ? -5.583 -2.473 12.829  1.00 15.36 ? 1  DG  A "C2'"  1 
ATOM   8   C  "C1'"  . DG  A 1 1 ? -7.080 -2.310 12.704  1.00 17.15 ? 1  DG  A "C1'"  1 
ATOM   9   N  N9     . DG  A 1 1 ? -7.501 -2.193 11.303  1.00 16.30 ? 1  DG  A N9     1 
ATOM   10  C  C8     . DG  A 1 1 ? -7.851 -1.038 10.638  1.00 17.04 ? 1  DG  A C8     1 
ATOM   11  N  N7     . DG  A 1 1 ? -8.167 -1.255 9.382   1.00 16.74 ? 1  DG  A N7     1 
ATOM   12  C  C5     . DG  A 1 1 ? -8.029 -2.617 9.210   1.00 15.99 ? 1  DG  A C5     1 
ATOM   13  C  C6     . DG  A 1 1 ? -8.232 -3.423 8.069   1.00 16.91 ? 1  DG  A C6     1 
ATOM   14  O  O6     . DG  A 1 1 ? -8.617 -3.040 6.960   1.00 18.49 ? 1  DG  A O6     1 
ATOM   15  N  N1     . DG  A 1 1 ? -7.985 -4.783 8.315   1.00 16.67 ? 1  DG  A N1     1 
ATOM   16  C  C2     . DG  A 1 1 ? -7.573 -5.285 9.539   1.00 17.22 ? 1  DG  A C2     1 
ATOM   17  N  N2     . DG  A 1 1 ? -7.375 -6.607 9.609   1.00 17.44 ? 1  DG  A N2     1 
ATOM   18  N  N3     . DG  A 1 1 ? -7.373 -4.529 10.623  1.00 16.32 ? 1  DG  A N3     1 
ATOM   19  C  C4     . DG  A 1 1 ? -7.608 -3.214 10.383  1.00 15.91 ? 1  DG  A C4     1 
HETATM 20  P  P      . UMS A 1 2 ? -2.507 -0.599 12.650  1.00 17.85 ? 2  UMS A P      1 
HETATM 21  O  OP1    . UMS A 1 2 ? -1.432 -0.393 13.629  1.00 18.07 ? 2  UMS A OP1    1 
HETATM 22  O  OP2    . UMS A 1 2 ? -2.789 0.434  11.647  1.00 17.26 ? 2  UMS A OP2    1 
HETATM 23  O  "O5'"  . UMS A 1 2 ? -2.207 -1.956 11.850  1.00 17.53 ? 2  UMS A "O5'"  1 
HETATM 24  C  "C5'"  . UMS A 1 2 ? -1.847 -3.125 12.580  1.00 16.18 ? 2  UMS A "C5'"  1 
HETATM 25  C  "C4'"  . UMS A 1 2 ? -1.897 -4.363 11.716  1.00 17.44 ? 2  UMS A "C4'"  1 
HETATM 26  O  "O4'"  . UMS A 1 2 ? -3.262 -4.557 11.295  1.00 16.31 ? 2  UMS A "O4'"  1 
HETATM 27  C  "C3'"  . UMS A 1 2 ? -1.128 -4.271 10.410  1.00 19.21 ? 2  UMS A "C3'"  1 
HETATM 28  O  "O3'"  . UMS A 1 2 ? 0.231  -4.483 10.612  1.00 19.19 ? 2  UMS A "O3'"  1 
HETATM 29  C  "C2'"  . UMS A 1 2 ? -1.768 -5.416 9.633   1.00 19.50 ? 2  UMS A "C2'"  1 
HETATM 30  SE "SE2'" . UMS A 1 2 ? -1.178 -7.204 10.258  1.00 24.83 ? 2  UMS A "SE2'" 1 
HETATM 31  C  "C1'"  . UMS A 1 2 ? -3.231 -5.156 10.020  1.00 17.67 ? 2  UMS A "C1'"  1 
HETATM 32  C  "CA'"  . UMS A 1 2 ? -1.877 -8.365 8.826   1.00 20.97 ? 2  UMS A "CA'"  1 
HETATM 33  N  N1     . UMS A 1 2 ? -3.910 -4.261 9.029   1.00 17.24 ? 2  UMS A N1     1 
HETATM 34  C  C2     . UMS A 1 2 ? -4.309 -4.814 7.818   1.00 16.17 ? 2  UMS A C2     1 
HETATM 35  O  O2     . UMS A 1 2 ? -4.135 -5.985 7.528   1.00 18.80 ? 2  UMS A O2     1 
HETATM 36  N  N3     . UMS A 1 2 ? -4.927 -3.951 6.954   1.00 18.40 ? 2  UMS A N3     1 
HETATM 37  C  C4     . UMS A 1 2 ? -5.147 -2.607 7.186   1.00 16.58 ? 2  UMS A C4     1 
HETATM 38  O  O4     . UMS A 1 2 ? -5.695 -1.951 6.319   1.00 17.92 ? 2  UMS A O4     1 
HETATM 39  C  C5     . UMS A 1 2 ? -4.696 -2.080 8.458   1.00 16.22 ? 2  UMS A C5     1 
HETATM 40  C  C6     . UMS A 1 2 ? -4.099 -2.917 9.320   1.00 16.29 ? 2  UMS A C6     1 
ATOM   41  P  P      . DG  A 1 3 ? 1.286  -3.705 9.683   1.00 21.96 ? 3  DG  A P      1 
ATOM   42  O  OP1    . DG  A 1 3 ? 2.517  -3.968 10.402  1.00 21.51 ? 3  DG  A OP1    1 
ATOM   43  O  OP2    . DG  A 1 3 ? 0.845  -2.327 9.384   1.00 23.00 ? 3  DG  A OP2    1 
ATOM   44  O  "O5'"  . DG  A 1 3 ? 1.254  -4.384 8.230   1.00 21.93 ? 3  DG  A "O5'"  1 
ATOM   45  C  "C5'"  . DG  A 1 3 ? 1.649  -5.689 8.016   1.00 21.03 ? 3  DG  A "C5'"  1 
ATOM   46  C  "C4'"  . DG  A 1 3 ? 1.044  -6.166 6.714   1.00 19.83 ? 3  DG  A "C4'"  1 
ATOM   47  O  "O4'"  . DG  A 1 3 ? -0.392 -5.953 6.764   1.00 19.67 ? 3  DG  A "O4'"  1 
ATOM   48  C  "C3'"  . DG  A 1 3 ? 1.457  -5.516 5.387   1.00 20.49 ? 3  DG  A "C3'"  1 
ATOM   49  O  "O3'"  . DG  A 1 3 ? 2.745  -5.948 4.948   1.00 20.48 ? 3  DG  A "O3'"  1 
ATOM   50  C  "C2'"  . DG  A 1 3 ? 0.353  -6.113 4.515   1.00 19.05 ? 3  DG  A "C2'"  1 
ATOM   51  C  "C1'"  . DG  A 1 3 ? -0.866 -5.934 5.439   1.00 17.28 ? 3  DG  A "C1'"  1 
ATOM   52  N  N9     . DG  A 1 3 ? -1.584 -4.680 5.206   1.00 17.31 ? 3  DG  A N9     1 
ATOM   53  C  C8     . DG  A 1 3 ? -1.586 -3.529 5.961   1.00 16.75 ? 3  DG  A C8     1 
ATOM   54  N  N7     . DG  A 1 3 ? -2.333 -2.586 5.462   1.00 15.76 ? 3  DG  A N7     1 
ATOM   55  C  C5     . DG  A 1 3 ? -2.848 -3.133 4.279   1.00 16.13 ? 3  DG  A C5     1 
ATOM   56  C  C6     . DG  A 1 3 ? -3.722 -2.597 3.285   1.00 16.45 ? 3  DG  A C6     1 
ATOM   57  O  O6     . DG  A 1 3 ? -4.228 -1.478 3.280   1.00 16.37 ? 3  DG  A O6     1 
ATOM   58  N  N1     . DG  A 1 3 ? -3.983 -3.484 2.237   1.00 15.67 ? 3  DG  A N1     1 
ATOM   59  C  C2     . DG  A 1 3 ? -3.479 -4.753 2.159   1.00 15.81 ? 3  DG  A C2     1 
ATOM   60  N  N2     . DG  A 1 3 ? -3.831 -5.469 1.093   1.00 16.31 ? 3  DG  A N2     1 
ATOM   61  N  N3     . DG  A 1 3 ? -2.673 -5.266 3.077   1.00 16.21 ? 3  DG  A N3     1 
ATOM   62  C  C4     . DG  A 1 3 ? -2.388 -4.414 4.104   1.00 15.70 ? 3  DG  A C4     1 
HETATM 63  N  N1     . TTI A 1 4 ? -0.418 -4.272 0.278   1.00 15.69 ? 4  TTI A N1     1 
HETATM 64  C  C2     . TTI A 1 4 ? -1.292 -3.526 -0.484  1.00 14.39 ? 4  TTI A C2     1 
HETATM 65  O  O2     . TTI A 1 4 ? -1.749 -3.925 -1.513  1.00 14.76 ? 4  TTI A O2     1 
HETATM 66  N  N3     . TTI A 1 4 ? -1.616 -2.277 -0.002  1.00 14.80 ? 4  TTI A N3     1 
HETATM 67  C  C4     . TTI A 1 4 ? -1.115 -1.714 1.156   1.00 15.70 ? 4  TTI A C4     1 
HETATM 68  O  O4     . TTI A 1 4 ? -1.420 -0.592 1.542   1.00 16.03 ? 4  TTI A O4     1 
HETATM 69  C  C5     . TTI A 1 4 ? -0.190 -2.544 1.885   1.00 16.20 ? 4  TTI A C5     1 
HETATM 70  C  C6     . TTI A 1 4 ? 0.117  -3.768 1.449   1.00 15.65 ? 4  TTI A C6     1 
HETATM 71  C  "C1'"  . TTI A 1 4 ? -0.048 -5.653 -0.176  1.00 15.49 ? 4  TTI A "C1'"  1 
HETATM 72  C  "C2'"  . TTI A 1 4 ? 1.033  -5.676 -1.251  1.00 16.71 ? 4  TTI A "C2'"  1 
HETATM 73  C  "C3'"  . TTI A 1 4 ? 2.284  -5.918 -0.412  1.00 17.42 ? 4  TTI A "C3'"  1 
HETATM 74  O  "O3'"  . TTI A 1 4 ? 3.311  -6.564 -1.155  1.00 18.31 ? 4  TTI A "O3'"  1 
HETATM 75  C  "C4'"  . TTI A 1 4 ? 1.760  -6.846 0.683   1.00 17.60 ? 4  TTI A "C4'"  1 
HETATM 76  O  "O4'"  . TTI A 1 4 ? 0.410  -6.368 0.959   1.00 16.85 ? 4  TTI A "O4'"  1 
HETATM 77  C  "C5'"  . TTI A 1 4 ? 2.607  -6.899 1.948   1.00 17.91 ? 4  TTI A "C5'"  1 
HETATM 78  O  "O5'"  . TTI A 1 4 ? 2.807  -5.588 2.456   1.00 19.98 ? 4  TTI A "O5'"  1 
HETATM 79  P  P      . TTI A 1 4 ? 3.598  -5.223 3.804   1.00 20.85 ? 4  TTI A P      1 
HETATM 80  O  O1P    . TTI A 1 4 ? 3.559  -3.773 3.989   1.00 22.65 ? 4  TTI A O1P    1 
HETATM 81  O  O2P    . TTI A 1 4 ? 4.895  -5.899 3.741   1.00 22.26 ? 4  TTI A O2P    1 
HETATM 82  TE TE5    . TTI A 1 4 ? 0.599  -1.826 3.694   0.80 16.79 ? 4  TTI A TE5    1 
ATOM   83  P  P      . DA  A 1 5 ? 4.305  -5.762 -2.131  1.00 19.08 ? 5  DA  A P      1 
ATOM   84  O  OP1    . DA  A 1 5 ? 5.304  -6.778 -2.516  1.00 20.73 ? 5  DA  A OP1    1 
ATOM   85  O  OP2    . DA  A 1 5 ? 4.740  -4.477 -1.551  1.00 20.70 ? 5  DA  A OP2    1 
ATOM   86  O  "O5'"  . DA  A 1 5 ? 3.408  -5.422 -3.403  1.00 15.76 ? 5  DA  A "O5'"  1 
ATOM   87  C  "C5'"  . DA  A 1 5 ? 3.536  -4.215 -4.090  1.00 15.88 ? 5  DA  A "C5'"  1 
ATOM   88  C  "C4'"  . DA  A 1 5 ? 2.310  -4.056 -4.958  1.00 16.47 ? 5  DA  A "C4'"  1 
ATOM   89  O  "O4'"  . DA  A 1 5 ? 1.144  -3.966 -4.090  1.00 16.15 ? 5  DA  A "O4'"  1 
ATOM   90  C  "C3'"  . DA  A 1 5 ? 2.295  -2.777 -5.789  1.00 16.05 ? 5  DA  A "C3'"  1 
ATOM   91  O  "O3'"  . DA  A 1 5 ? 2.928  -3.002 -7.047  1.00 17.23 ? 5  DA  A "O3'"  1 
ATOM   92  C  "C2'"  . DA  A 1 5 ? 0.808  -2.467 -5.937  1.00 16.56 ? 5  DA  A "C2'"  1 
ATOM   93  C  "C1'"  . DA  A 1 5 ? 0.310  -2.915 -4.579  1.00 15.17 ? 5  DA  A "C1'"  1 
ATOM   94  N  N9     . DA  A 1 5 ? 0.262  -1.853 -3.562  1.00 13.49 ? 5  DA  A N9     1 
ATOM   95  C  C8     . DA  A 1 5 ? 1.019  -1.794 -2.430  1.00 14.59 ? 5  DA  A C8     1 
ATOM   96  N  N7     . DA  A 1 5 ? 0.794  -0.758 -1.665  1.00 13.96 ? 5  DA  A N7     1 
ATOM   97  C  C5     . DA  A 1 5 ? -0.209 -0.070 -2.349  1.00 13.09 ? 5  DA  A C5     1 
ATOM   98  C  C6     . DA  A 1 5 ? -0.918 1.126  -2.048  1.00 13.12 ? 5  DA  A C6     1 
ATOM   99  N  N6     . DA  A 1 5 ? -0.683 1.816  -0.925  1.00 14.26 ? 5  DA  A N6     1 
ATOM   100 N  N1     . DA  A 1 5 ? -1.855 1.549  -2.935  1.00 14.02 ? 5  DA  A N1     1 
ATOM   101 C  C2     . DA  A 1 5 ? -2.069 0.821  -4.034  1.00 14.04 ? 5  DA  A C2     1 
ATOM   102 N  N3     . DA  A 1 5 ? -1.474 -0.322 -4.402  1.00 15.08 ? 5  DA  A N3     1 
ATOM   103 C  C4     . DA  A 1 5 ? -0.544 -0.727 -3.525  1.00 14.48 ? 5  DA  A C4     1 
ATOM   104 P  P      . DC  A 1 6 ? 3.804  -1.871 -7.742  1.00 18.38 ? 6  DC  A P      1 
ATOM   105 O  OP1    . DC  A 1 6 ? 4.226  -2.487 -9.025  1.00 20.61 ? 6  DC  A OP1    1 
ATOM   106 O  OP2    . DC  A 1 6 ? 4.710  -1.321 -6.714  1.00 18.21 ? 6  DC  A OP2    1 
ATOM   107 O  "O5'"  . DC  A 1 6 ? 2.745  -0.746 -8.132  1.00 16.12 ? 6  DC  A "O5'"  1 
ATOM   108 C  "C5'"  . DC  A 1 6 ? 1.834  -0.922 -9.182  1.00 15.45 ? 6  DC  A "C5'"  1 
ATOM   109 C  "C4'"  . DC  A 1 6 ? 0.834  0.212  -9.182  1.00 15.37 ? 6  DC  A "C4'"  1 
ATOM   110 O  "O4'"  . DC  A 1 6 ? 0.177  0.238  -7.893  1.00 15.34 ? 6  DC  A "O4'"  1 
ATOM   111 C  "C3'"  . DC  A 1 6 ? 1.437  1.600  -9.269  1.00 15.76 ? 6  DC  A "C3'"  1 
ATOM   112 O  "O3'"  . DC  A 1 6 ? 1.817  1.849  -10.607 1.00 17.63 ? 6  DC  A "O3'"  1 
ATOM   113 C  "C2'"  . DC  A 1 6 ? 0.266  2.442  -8.793  1.00 16.59 ? 6  DC  A "C2'"  1 
ATOM   114 C  "C1'"  . DC  A 1 6 ? -0.142 1.586  -7.598  1.00 14.85 ? 6  DC  A "C1'"  1 
ATOM   115 N  N1     . DC  A 1 6 ? 0.473  1.959  -6.274  1.00 14.91 ? 6  DC  A N1     1 
ATOM   116 C  C2     . DC  A 1 6 ? -0.013 3.100  -5.599  1.00 13.72 ? 6  DC  A C2     1 
ATOM   117 O  O2     . DC  A 1 6 ? -0.916 3.774  -6.123  1.00 15.93 ? 6  DC  A O2     1 
ATOM   118 N  N3     . DC  A 1 6 ? 0.508  3.441  -4.378  1.00 13.21 ? 6  DC  A N3     1 
ATOM   119 C  C4     . DC  A 1 6 ? 1.495  2.707  -3.824  1.00 12.96 ? 6  DC  A C4     1 
ATOM   120 N  N4     . DC  A 1 6 ? 1.972  3.079  -2.625  1.00 13.70 ? 6  DC  A N4     1 
ATOM   121 C  C5     . DC  A 1 6 ? 2.011  1.556  -4.517  1.00 13.14 ? 6  DC  A C5     1 
ATOM   122 C  C6     . DC  A 1 6 ? 1.487  1.218  -5.713  1.00 14.03 ? 6  DC  A C6     1 
ATOM   123 P  P      . DA  A 1 7 ? 3.012  2.843  -10.899 1.00 18.94 ? 7  DA  A P      1 
ATOM   124 O  OP1    . DA  A 1 7 ? 3.284  2.688  -12.353 1.00 21.45 ? 7  DA  A OP1    1 
ATOM   125 O  OP2    . DA  A 1 7 ? 4.109  2.751  -9.902  1.00 19.52 ? 7  DA  A OP2    1 
ATOM   126 O  "O5'"  . DA  A 1 7 ? 2.372  4.290  -10.684 1.00 19.20 ? 7  DA  A "O5'"  1 
ATOM   127 C  "C5'"  . DA  A 1 7 ? 1.270  4.741  -11.474 1.00 18.31 ? 7  DA  A "C5'"  1 
ATOM   128 C  "C4'"  . DA  A 1 7 ? 0.816  6.110  -10.967 1.00 17.96 ? 7  DA  A "C4'"  1 
ATOM   129 O  "O4'"  . DA  A 1 7 ? 0.317  5.990  -9.619  1.00 16.89 ? 7  DA  A "O4'"  1 
ATOM   130 C  "C3'"  . DA  A 1 7 ? 1.908  7.146  -10.846 1.00 17.00 ? 7  DA  A "C3'"  1 
ATOM   131 O  "O3'"  . DA  A 1 7 ? 2.061  7.771  -12.082 1.00 18.63 ? 7  DA  A "O3'"  1 
ATOM   132 C  "C2'"  . DA  A 1 7 ? 1.394  8.105  -9.779  1.00 16.95 ? 7  DA  A "C2'"  1 
ATOM   133 C  "C1'"  . DA  A 1 7 ? 0.682  7.126  -8.865  1.00 15.82 ? 7  DA  A "C1'"  1 
ATOM   134 N  N9     . DA  A 1 7 ? 1.408  6.646  -7.702  1.00 14.28 ? 7  DA  A N9     1 
ATOM   135 C  C8     . DA  A 1 7 ? 2.151  5.503  -7.562  1.00 13.20 ? 7  DA  A C8     1 
ATOM   136 N  N7     . DA  A 1 7 ? 2.661  5.344  -6.368  1.00 13.56 ? 7  DA  A N7     1 
ATOM   137 C  C5     . DA  A 1 7 ? 2.226  6.469  -5.684  1.00 14.47 ? 7  DA  A C5     1 
ATOM   138 C  C6     . DA  A 1 7 ? 2.414  6.902  -4.345  1.00 13.66 ? 7  DA  A C6     1 
ATOM   139 N  N6     . DA  A 1 7 ? 3.111  6.206  -3.448  1.00 13.90 ? 7  DA  A N6     1 
ATOM   140 N  N1     . DA  A 1 7 ? 1.840  8.084  -3.972  1.00 15.29 ? 7  DA  A N1     1 
ATOM   141 C  C2     . DA  A 1 7 ? 1.123  8.780  -4.876  1.00 15.11 ? 7  DA  A C2     1 
ATOM   142 N  N3     . DA  A 1 7 ? 0.883  8.473  -6.149  1.00 14.49 ? 7  DA  A N3     1 
ATOM   143 C  C4     . DA  A 1 7 ? 1.442  7.287  -6.485  1.00 15.04 ? 7  DA  A C4     1 
ATOM   144 P  P      . DC  A 1 8 ? 3.425  8.451  -12.512 1.00 20.38 ? 8  DC  A P      1 
ATOM   145 O  OP1    . DC  A 1 8 ? 3.289  8.938  -13.896 1.00 21.35 ? 8  DC  A OP1    1 
ATOM   146 O  OP2    . DC  A 1 8 ? 4.485  7.483  -12.225 1.00 19.96 ? 8  DC  A OP2    1 
ATOM   147 O  "O5'"  . DC  A 1 8 ? 3.607  9.689  -11.550 1.00 19.78 ? 8  DC  A "O5'"  1 
ATOM   148 C  "C5'"  . DC  A 1 8 ? 2.776  10.837 -11.693 1.00 19.18 ? 8  DC  A "C5'"  1 
ATOM   149 C  "C4'"  . DC  A 1 8 ? 3.111  11.873 -10.645 1.00 19.59 ? 8  DC  A "C4'"  1 
ATOM   150 O  "O4'"  . DC  A 1 8 ? 2.911  11.283 -9.340  1.00 19.43 ? 8  DC  A "O4'"  1 
ATOM   151 C  "C3'"  . DC  A 1 8 ? 4.522  12.459 -10.673 1.00 21.72 ? 8  DC  A "C3'"  1 
ATOM   152 O  "O3'"  . DC  A 1 8 ? 4.436  13.876 -10.657 1.00 24.17 ? 8  DC  A "O3'"  1 
ATOM   153 C  "C2'"  . DC  A 1 8 ? 5.199  11.957 -9.413  1.00 20.37 ? 8  DC  A "C2'"  1 
ATOM   154 C  "C1'"  . DC  A 1 8 ? 4.015  11.590 -8.516  1.00 19.18 ? 8  DC  A "C1'"  1 
ATOM   155 N  N1     . DC  A 1 8 ? 4.359  10.399 -7.647  1.00 17.25 ? 8  DC  A N1     1 
ATOM   156 C  C2     . DC  A 1 8 ? 4.363  10.567 -6.257  1.00 17.23 ? 8  DC  A C2     1 
ATOM   157 O  O2     . DC  A 1 8 ? 4.055  11.660 -5.798  1.00 17.77 ? 8  DC  A O2     1 
ATOM   158 N  N3     . DC  A 1 8 ? 4.701  9.524  -5.455  1.00 17.23 ? 8  DC  A N3     1 
ATOM   159 C  C4     . DC  A 1 8 ? 5.034  8.356  -6.014  1.00 16.47 ? 8  DC  A C4     1 
ATOM   160 N  N4     . DC  A 1 8 ? 5.359  7.370  -5.191  1.00 14.96 ? 8  DC  A N4     1 
ATOM   161 C  C5     . DC  A 1 8 ? 5.025  8.142  -7.438  1.00 15.36 ? 8  DC  A C5     1 
ATOM   162 C  C6     . DC  A 1 8 ? 4.698  9.182  -8.202  1.00 16.33 ? 8  DC  A C6     1 
HETATM 163 O  O      . HOH B 2 . ? -2.605 -1.906 -6.525  1.00 16.88 ? 11 HOH A O      1 
HETATM 164 O  O      . HOH B 2 . ? -1.658 -2.707 -9.078  1.00 20.92 ? 12 HOH A O      1 
HETATM 165 O  O      . HOH B 2 . ? 0.324  10.743 -8.000  1.00 21.71 ? 13 HOH A O      1 
HETATM 166 O  O      . HOH B 2 . ? 4.606  3.634  -5.424  1.00 26.95 ? 14 HOH A O      1 
HETATM 167 O  O      . HOH B 2 . ? -8.966 1.152  8.152   1.00 33.88 ? 15 HOH A O      1 
HETATM 168 O  O      . HOH B 2 . ? 5.706  4.962  -9.230  1.00 32.74 ? 16 HOH A O      1 
HETATM 169 O  O      . HOH B 2 . ? -1.711 -7.859 2.624   1.00 23.21 ? 17 HOH A O      1 
HETATM 170 O  O      . HOH B 2 . ? -1.898 -0.625 -11.002 1.00 22.80 ? 18 HOH A O      1 
HETATM 171 O  O      . HOH B 2 . ? 6.493  4.934  -6.463  1.00 25.72 ? 19 HOH A O      1 
HETATM 172 O  O      . HOH B 2 . ? -2.258 0.157  6.283   1.00 30.57 ? 20 HOH A O      1 
HETATM 173 O  O      . HOH B 2 . ? -1.511 1.928  15.332  1.00 24.21 ? 21 HOH A O      1 
HETATM 174 O  O      . HOH B 2 . ? -5.177 -8.525 7.444   1.00 25.28 ? 22 HOH A O      1 
HETATM 175 O  O      . HOH B 2 . ? 2.257  14.160 -12.921 1.00 28.79 ? 23 HOH A O      1 
HETATM 176 O  O      . HOH B 2 . ? -5.155 -9.298 10.516  1.00 31.35 ? 24 HOH A O      1 
HETATM 177 O  O      . HOH B 2 . ? 1.384  -1.316 13.885  1.00 35.43 ? 25 HOH A O      1 
HETATM 178 O  O      . HOH B 2 . ? 3.990  1.537  -1.300  1.00 30.35 ? 26 HOH A O      1 
HETATM 179 O  O      . HOH B 2 . ? -4.619 2.466  11.183  1.00 33.17 ? 27 HOH A O      1 
HETATM 180 O  O      . HOH B 2 . ? 2.246  0.224  0.585   1.00 28.90 ? 28 HOH A O      1 
HETATM 181 O  O      . HOH B 2 . ? -1.245 0.044  8.756   1.00 40.96 ? 29 HOH A O      1 
HETATM 182 O  O      . HOH B 2 . ? 1.402  0.383  11.213  1.00 43.50 ? 30 HOH A O      1 
HETATM 183 O  O      . HOH B 2 . ? 2.305  -4.329 -10.829 1.00 35.16 ? 31 HOH A O      1 
HETATM 184 O  O      . HOH B 2 . ? 3.705  -2.603 -0.522  1.00 31.77 ? 32 HOH A O      1 
HETATM 185 O  O      . HOH B 2 . ? 4.676  -0.780 -2.843  1.00 35.85 ? 33 HOH A O      1 
HETATM 186 O  O      . HOH B 2 . ? 3.991  -1.707 1.755   1.00 39.12 ? 34 HOH A O      1 
HETATM 187 O  O      . HOH B 2 . ? 3.283  4.286  -14.825 1.00 43.10 ? 35 HOH A O      1 
HETATM 188 O  O      . HOH B 2 . ? 5.309  0.886  -5.394  1.00 34.62 ? 36 HOH A O      1 
HETATM 189 O  O      . HOH B 2 . ? 7.469  0.637  -3.796  1.00 45.03 ? 37 HOH A O      1 
HETATM 190 O  O      . HOH B 2 . ? 1.736  -1.060 5.633   1.00 41.00 ? 38 HOH A O      1 
# 
